data_3D11
#
_entry.id   3D11
#
_cell.length_a   130.161
_cell.length_b   130.161
_cell.length_c   130.161
_cell.angle_alpha   90.00
_cell.angle_beta   90.00
_cell.angle_gamma   90.00
#
_symmetry.space_group_name_H-M   'P 21 3'
#
loop_
_entity.id
_entity.type
_entity.pdbx_description
1 polymer Hemagglutinin-neuraminidase
2 branched 2-acetamido-2-deoxy-beta-D-glucopyranose-(1-4)-2-acetamido-2-deoxy-beta-D-glucopyranose
3 branched beta-D-mannopyranose-(1-3)-[alpha-D-mannopyranose-(1-6)]beta-D-mannopyranose-(1-4)-2-acetamido-2-deoxy-beta-D-glucopyranose-(1-4)-2-acetamido-2-deoxy-beta-D-glucopyranose
4 non-polymer 2-acetamido-2-deoxy-beta-D-glucopyranose
5 non-polymer 'IODIDE ION'
6 water water
#
_entity_poly.entity_id   1
_entity_poly.type   'polypeptide(L)'
_entity_poly.pdbx_seq_one_letter_code
;EGVSNLVGLPNNICLQKTSNQILKPKLISYTLPVVGQSGTCITDPLLAMDEGYFAYSHLERIGSCSRGVSKQRIIGVGEV
LDRGDEVPSLFMTNVWTPPNPNTVYHCSAVYNNEFYYVLCAVSTVGDPILNSTYWSGSLMMTRLAVKPKSNGGGYNQHQL
ALRSIEKGRYDKVMPYGPSGIKQGDTLYFPAVGFLVRTEFKYNDSNCPITKCQYSKPENCRLSMGIRPNSHYILRSGLLK
YNLSDGENPKVVFIEISDQRLSIGSPSKIYDSLGQPVFYQASFSWDTMIKFGDVLTVNPLVVNWRNNTVISRPGQSQCPR
FNTCPEICWEGVYNDAFLIDRINWISAGVFLDSNQTAENPVFTVFKDNEILYRAQLASEDTNAQKTITNCFLLKNKIWCI
SLVEIYDTGDNVIRPKLFAVKIPEQCTA
;
_entity_poly.pdbx_strand_id   A
#
loop_
_chem_comp.id
_chem_comp.type
_chem_comp.name
_chem_comp.formula
BMA D-saccharide, beta linking beta-D-mannopyranose 'C6 H12 O6'
IOD non-polymer 'IODIDE ION' 'I -1'
MAN D-saccharide, alpha linking alpha-D-mannopyranose 'C6 H12 O6'
NAG D-saccharide, beta linking 2-acetamido-2-deoxy-beta-D-glucopyranose 'C8 H15 N O6'
#
# COMPACT_ATOMS: atom_id res chain seq x y z
N GLY A 2 25.12 -7.31 -2.25
CA GLY A 2 24.10 -6.36 -2.65
C GLY A 2 22.89 -6.37 -1.73
N VAL A 3 21.72 -6.05 -2.28
CA VAL A 3 20.44 -6.06 -1.53
C VAL A 3 19.56 -7.17 -2.05
N SER A 4 18.90 -7.90 -1.15
CA SER A 4 18.06 -9.03 -1.57
C SER A 4 16.83 -9.20 -0.68
N ASN A 5 15.87 -9.99 -1.14
CA ASN A 5 14.64 -10.16 -0.39
C ASN A 5 14.82 -10.78 0.98
N LEU A 6 13.83 -10.58 1.85
CA LEU A 6 13.86 -11.12 3.20
C LEU A 6 13.48 -12.58 3.14
N VAL A 7 14.49 -13.44 3.04
CA VAL A 7 14.27 -14.86 2.79
C VAL A 7 15.41 -15.64 3.45
N GLY A 8 15.18 -16.90 3.78
CA GLY A 8 16.21 -17.73 4.39
C GLY A 8 16.37 -17.52 5.90
N LEU A 9 17.62 -17.29 6.34
CA LEU A 9 17.89 -17.13 7.76
C LEU A 9 18.72 -15.89 8.08
N PRO A 10 18.06 -14.73 8.20
CA PRO A 10 18.69 -13.44 8.47
C PRO A 10 19.28 -13.34 9.88
N ASN A 11 20.16 -12.37 10.08
CA ASN A 11 20.70 -12.11 11.41
C ASN A 11 19.59 -11.92 12.42
N ASN A 12 19.87 -12.27 13.68
CA ASN A 12 18.90 -12.09 14.74
C ASN A 12 18.47 -10.64 14.88
N ILE A 13 17.27 -10.44 15.43
CA ILE A 13 16.76 -9.12 15.76
C ILE A 13 16.34 -9.13 17.22
N CYS A 14 16.17 -7.95 17.79
CA CYS A 14 15.69 -7.85 19.16
C CYS A 14 14.25 -8.34 19.26
N LEU A 15 13.96 -9.12 20.29
CA LEU A 15 12.66 -9.78 20.43
C LEU A 15 11.90 -9.34 21.67
N GLN A 16 12.51 -8.47 22.46
CA GLN A 16 11.94 -8.08 23.74
C GLN A 16 11.35 -6.69 23.71
N LYS A 17 10.26 -6.49 24.43
CA LYS A 17 9.68 -5.18 24.61
C LYS A 17 10.64 -4.26 25.38
N THR A 18 11.05 -3.16 24.76
CA THR A 18 11.98 -2.23 25.41
C THR A 18 11.67 -0.77 25.07
N SER A 19 12.10 0.14 25.94
CA SER A 19 11.97 1.57 25.70
C SER A 19 13.30 2.16 25.31
N ASN A 20 14.34 1.32 25.32
CA ASN A 20 15.64 1.74 24.81
C ASN A 20 15.50 2.22 23.38
N GLN A 21 16.20 3.30 23.06
CA GLN A 21 16.19 3.81 21.69
C GLN A 21 17.23 3.06 20.85
N ILE A 22 16.81 1.90 20.35
CA ILE A 22 17.69 1.02 19.58
C ILE A 22 17.35 1.08 18.10
N LEU A 23 16.23 1.72 17.79
CA LEU A 23 15.86 2.05 16.41
C LEU A 23 16.45 3.41 16.07
N LYS A 24 17.21 3.47 14.98
CA LYS A 24 17.84 4.73 14.56
C LYS A 24 17.58 5.07 13.08
N PRO A 25 16.43 5.68 12.79
CA PRO A 25 16.03 5.96 11.41
C PRO A 25 16.94 6.97 10.73
N LYS A 26 17.29 6.70 9.48
CA LYS A 26 18.08 7.64 8.70
C LYS A 26 17.24 8.23 7.57
N LEU A 27 17.35 9.55 7.36
CA LEU A 27 16.56 10.24 6.35
C LEU A 27 17.25 10.12 4.99
N ILE A 28 16.56 9.53 4.00
CA ILE A 28 17.19 9.25 2.71
C ILE A 28 16.37 9.76 1.51
N SER A 29 15.52 10.76 1.72
CA SER A 29 14.66 11.24 0.66
C SER A 29 15.44 11.79 -0.54
N TYR A 30 16.60 12.38 -0.28
CA TYR A 30 17.34 13.14 -1.30
C TYR A 30 17.87 12.29 -2.45
N THR A 31 17.67 10.98 -2.41
CA THR A 31 18.12 10.15 -3.53
C THR A 31 17.04 10.08 -4.62
N LEU A 32 15.82 10.44 -4.24
CA LEU A 32 14.69 10.49 -5.17
C LEU A 32 14.28 11.94 -5.42
N PRO A 33 13.53 12.18 -6.52
CA PRO A 33 13.15 13.56 -6.86
C PRO A 33 11.92 14.04 -6.10
N VAL A 34 12.00 14.14 -4.78
CA VAL A 34 10.84 14.46 -3.96
C VAL A 34 11.17 15.48 -2.88
N VAL A 35 12.32 16.14 -3.00
CA VAL A 35 12.70 17.16 -2.03
C VAL A 35 11.95 18.45 -2.36
N GLY A 36 11.54 18.57 -3.62
CA GLY A 36 10.50 19.49 -4.02
C GLY A 36 10.83 20.97 -4.17
N GLN A 37 9.87 21.68 -4.78
CA GLN A 37 9.97 23.11 -5.04
C GLN A 37 8.82 23.85 -4.32
N SER A 38 9.15 24.96 -3.66
CA SER A 38 8.21 25.67 -2.80
C SER A 38 6.74 25.71 -3.23
N GLY A 39 6.47 25.96 -4.50
CA GLY A 39 5.09 26.13 -4.96
C GLY A 39 4.44 24.86 -5.51
N THR A 40 4.99 23.72 -5.13
CA THR A 40 4.54 22.44 -5.67
C THR A 40 4.21 21.45 -4.55
N CYS A 41 3.13 20.70 -4.74
CA CYS A 41 2.72 19.66 -3.81
C CYS A 41 3.05 18.31 -4.45
N ILE A 42 3.48 17.35 -3.65
CA ILE A 42 3.74 16.01 -4.16
C ILE A 42 2.74 15.04 -3.52
N THR A 43 1.91 14.40 -4.32
CA THR A 43 0.80 13.63 -3.79
C THR A 43 0.67 12.26 -4.45
N ASP A 44 -0.16 11.41 -3.84
CA ASP A 44 -0.50 10.12 -4.42
C ASP A 44 0.70 9.22 -4.70
N PRO A 45 1.57 9.02 -3.70
CA PRO A 45 2.82 8.26 -3.87
C PRO A 45 2.62 6.75 -3.90
N LEU A 46 3.56 6.08 -4.56
CA LEU A 46 3.65 4.63 -4.58
C LEU A 46 5.10 4.31 -4.37
N LEU A 47 5.38 3.28 -3.56
CA LEU A 47 6.73 2.74 -3.45
C LEU A 47 6.59 1.23 -3.39
N ALA A 48 7.42 0.53 -4.13
CA ALA A 48 7.36 -0.92 -4.20
C ALA A 48 8.78 -1.41 -4.34
N MET A 49 9.09 -2.55 -3.74
CA MET A 49 10.45 -3.07 -3.74
C MET A 49 10.47 -4.60 -3.89
N ASP A 50 11.44 -5.12 -4.64
CA ASP A 50 11.54 -6.56 -4.89
C ASP A 50 12.89 -6.86 -5.54
N GLU A 51 13.67 -7.71 -4.88
CA GLU A 51 14.93 -8.24 -5.44
C GLU A 51 16.02 -7.23 -5.75
N GLY A 52 16.11 -6.17 -4.98
CA GLY A 52 17.14 -5.17 -5.21
C GLY A 52 16.68 -4.04 -6.12
N TYR A 53 15.41 -4.07 -6.51
CA TYR A 53 14.83 -3.01 -7.30
C TYR A 53 13.62 -2.38 -6.63
N PHE A 54 13.23 -1.20 -7.11
CA PHE A 54 12.07 -0.51 -6.58
C PHE A 54 11.33 0.17 -7.72
N ALA A 55 10.03 0.37 -7.54
CA ALA A 55 9.26 1.21 -8.42
C ALA A 55 8.74 2.35 -7.57
N TYR A 56 8.72 3.55 -8.14
CA TYR A 56 8.27 4.72 -7.43
C TYR A 56 7.37 5.57 -8.31
N SER A 57 6.32 6.13 -7.73
CA SER A 57 5.45 7.02 -8.48
C SER A 57 4.88 8.13 -7.63
N HIS A 58 4.68 9.28 -8.26
CA HIS A 58 3.96 10.36 -7.60
C HIS A 58 3.38 11.34 -8.61
N LEU A 59 2.45 12.16 -8.12
CA LEU A 59 1.86 13.24 -8.90
C LEU A 59 2.31 14.56 -8.31
N GLU A 60 2.74 15.49 -9.15
CA GLU A 60 3.05 16.82 -8.64
C GLU A 60 1.92 17.75 -9.04
N ARG A 61 1.45 18.55 -8.08
CA ARG A 61 0.42 19.53 -8.32
C ARG A 61 0.97 20.93 -8.07
N ILE A 62 0.52 21.89 -8.86
CA ILE A 62 0.89 23.28 -8.63
C ILE A 62 -0.13 23.94 -7.70
N GLY A 63 0.34 24.38 -6.54
CA GLY A 63 -0.55 25.00 -5.58
C GLY A 63 -1.21 24.00 -4.63
N SER A 64 -2.53 24.11 -4.50
CA SER A 64 -3.28 23.28 -3.55
C SER A 64 -2.95 21.81 -3.71
N CYS A 65 -3.00 21.07 -2.61
CA CYS A 65 -2.67 19.65 -2.62
C CYS A 65 -3.80 18.79 -3.15
N SER A 66 -5.01 19.33 -3.14
CA SER A 66 -6.18 18.54 -3.53
C SER A 66 -6.80 19.04 -4.82
N ARG A 67 -6.79 20.35 -5.01
CA ARG A 67 -7.45 20.94 -6.16
C ARG A 67 -6.47 21.64 -7.08
N GLY A 68 -5.18 21.37 -6.91
CA GLY A 68 -4.16 22.01 -7.74
C GLY A 68 -4.04 21.40 -9.12
N VAL A 69 -3.42 22.16 -10.03
CA VAL A 69 -3.20 21.70 -11.40
C VAL A 69 -2.15 20.59 -11.48
N SER A 70 -2.52 19.45 -12.06
CA SER A 70 -1.58 18.33 -12.22
C SER A 70 -0.47 18.70 -13.17
N LYS A 71 0.73 18.87 -12.63
CA LYS A 71 1.88 19.21 -13.44
C LYS A 71 2.44 17.98 -14.15
N GLN A 72 2.78 16.94 -13.38
CA GLN A 72 3.32 15.73 -13.98
C GLN A 72 3.20 14.49 -13.08
N ARG A 73 2.93 13.37 -13.74
CA ARG A 73 2.98 12.05 -13.12
C ARG A 73 4.36 11.44 -13.38
N ILE A 74 5.05 11.08 -12.31
CA ILE A 74 6.34 10.42 -12.44
C ILE A 74 6.13 8.93 -12.20
N ILE A 75 6.66 8.11 -13.09
CA ILE A 75 6.71 6.67 -12.86
C ILE A 75 8.14 6.26 -13.13
N GLY A 76 8.85 5.88 -12.08
CA GLY A 76 10.23 5.49 -12.21
C GLY A 76 10.53 4.16 -11.55
N VAL A 77 11.61 3.53 -11.97
CA VAL A 77 12.09 2.33 -11.36
C VAL A 77 13.57 2.53 -11.17
N GLY A 78 14.20 1.63 -10.42
CA GLY A 78 15.59 1.81 -10.09
C GLY A 78 16.04 0.72 -9.15
N GLU A 79 17.21 0.90 -8.56
CA GLU A 79 17.76 -0.12 -7.69
C GLU A 79 18.00 0.36 -6.28
N VAL A 80 17.83 -0.55 -5.32
CA VAL A 80 18.14 -0.28 -3.93
C VAL A 80 19.61 -0.63 -3.70
N LEU A 81 20.40 0.36 -3.32
CA LEU A 81 21.83 0.13 -3.24
C LEU A 81 22.37 0.68 -1.93
N ASP A 82 23.39 0.00 -1.43
CA ASP A 82 24.15 0.43 -0.28
C ASP A 82 25.03 1.62 -0.69
N ARG A 83 24.78 2.80 -0.12
CA ARG A 83 25.74 3.89 -0.26
C ARG A 83 26.94 3.44 0.54
N GLY A 84 28.11 4.00 0.29
CA GLY A 84 29.28 3.60 1.06
C GLY A 84 29.00 3.41 2.54
N ASP A 85 28.10 4.26 3.07
CA ASP A 85 27.70 4.30 4.48
C ASP A 85 27.30 2.95 5.07
N GLU A 86 27.05 1.97 4.21
CA GLU A 86 26.49 0.68 4.62
C GLU A 86 24.98 0.80 4.84
N VAL A 87 24.42 1.93 4.42
CA VAL A 87 22.99 2.21 4.57
C VAL A 87 22.30 2.16 3.21
N PRO A 88 21.18 1.41 3.12
CA PRO A 88 20.45 1.28 1.86
C PRO A 88 19.83 2.59 1.40
N SER A 89 19.69 2.75 0.08
CA SER A 89 19.08 3.94 -0.47
C SER A 89 18.58 3.69 -1.90
N LEU A 90 17.68 4.55 -2.37
CA LEU A 90 17.04 4.32 -3.66
C LEU A 90 17.66 5.15 -4.77
N PHE A 91 17.94 4.52 -5.90
CA PHE A 91 18.54 5.20 -7.04
C PHE A 91 17.80 4.91 -8.37
N MET A 92 17.18 5.95 -8.95
CA MET A 92 16.44 5.79 -10.21
C MET A 92 17.34 5.39 -11.37
N THR A 93 16.80 4.59 -12.27
CA THR A 93 17.53 4.22 -13.47
C THR A 93 16.66 4.48 -14.69
N ASN A 94 15.38 4.65 -14.48
CA ASN A 94 14.43 4.72 -15.58
C ASN A 94 13.16 5.46 -15.13
N VAL A 95 12.83 6.54 -15.82
CA VAL A 95 11.58 7.23 -15.49
C VAL A 95 10.74 7.58 -16.71
N TRP A 96 9.43 7.48 -16.54
CA TRP A 96 8.48 7.70 -17.61
C TRP A 96 7.38 8.61 -17.08
N THR A 97 6.81 9.43 -17.96
CA THR A 97 5.62 10.20 -17.62
C THR A 97 4.58 9.95 -18.70
N PRO A 98 3.36 9.59 -18.30
CA PRO A 98 2.29 9.45 -19.29
C PRO A 98 2.03 10.78 -19.98
N PRO A 99 1.52 10.76 -21.23
CA PRO A 99 1.20 11.99 -21.97
C PRO A 99 0.25 12.90 -21.19
N ASN A 100 -0.76 12.33 -20.54
CA ASN A 100 -1.74 13.15 -19.82
C ASN A 100 -1.81 12.80 -18.34
N PRO A 101 -1.18 13.64 -17.49
CA PRO A 101 -1.14 13.37 -16.04
C PRO A 101 -2.48 13.61 -15.35
N ASN A 102 -3.46 14.12 -16.07
CA ASN A 102 -4.77 14.39 -15.47
C ASN A 102 -5.64 13.15 -15.34
N THR A 103 -5.24 12.08 -16.04
CA THR A 103 -6.13 10.94 -16.23
C THR A 103 -5.64 9.65 -15.60
N VAL A 104 -4.41 9.61 -15.12
CA VAL A 104 -3.88 8.39 -14.52
C VAL A 104 -4.13 8.35 -13.00
N TYR A 105 -4.66 7.23 -12.52
CA TYR A 105 -4.97 7.05 -11.10
C TYR A 105 -4.61 5.66 -10.58
N HIS A 106 -4.39 5.58 -9.28
CA HIS A 106 -4.30 4.29 -8.60
C HIS A 106 -3.34 3.31 -9.25
N CYS A 107 -2.13 3.77 -9.52
CA CYS A 107 -1.08 2.89 -10.01
C CYS A 107 -0.70 1.85 -8.97
N SER A 108 -0.14 0.73 -9.43
CA SER A 108 0.19 -0.42 -8.60
C SER A 108 1.25 -1.19 -9.36
N ALA A 109 2.34 -1.58 -8.70
CA ALA A 109 3.49 -2.14 -9.40
C ALA A 109 3.80 -3.57 -8.97
N VAL A 110 4.23 -4.39 -9.93
CA VAL A 110 4.75 -5.73 -9.66
C VAL A 110 6.02 -5.97 -10.45
N TYR A 111 7.02 -6.58 -9.81
CA TYR A 111 8.29 -6.84 -10.47
C TYR A 111 8.36 -8.28 -10.98
N ASN A 112 9.03 -8.46 -12.11
CA ASN A 112 9.25 -9.79 -12.66
C ASN A 112 10.36 -9.76 -13.71
N ASN A 113 11.44 -10.51 -13.43
CA ASN A 113 12.53 -10.73 -14.38
C ASN A 113 12.95 -9.51 -15.20
N GLU A 114 13.59 -8.56 -14.54
CA GLU A 114 14.21 -7.41 -15.20
C GLU A 114 13.24 -6.24 -15.44
N PHE A 115 11.94 -6.47 -15.29
CA PHE A 115 10.97 -5.42 -15.57
C PHE A 115 10.03 -5.16 -14.39
N TYR A 116 9.62 -3.91 -14.24
CA TYR A 116 8.49 -3.60 -13.38
C TYR A 116 7.27 -3.37 -14.24
N TYR A 117 6.13 -3.90 -13.81
CA TYR A 117 4.87 -3.66 -14.47
C TYR A 117 4.02 -2.75 -13.61
N VAL A 118 3.44 -1.73 -14.22
CA VAL A 118 2.66 -0.76 -13.48
C VAL A 118 1.27 -0.66 -14.06
N LEU A 119 0.30 -1.10 -13.28
CA LEU A 119 -1.08 -1.10 -13.69
C LEU A 119 -1.76 0.12 -13.07
N CYS A 120 -2.49 0.89 -13.89
CA CYS A 120 -3.15 2.11 -13.43
C CYS A 120 -4.57 2.17 -13.96
N ALA A 121 -5.40 3.01 -13.34
CA ALA A 121 -6.72 3.31 -13.89
C ALA A 121 -6.58 4.52 -14.79
N VAL A 122 -7.38 4.59 -15.85
CA VAL A 122 -7.42 5.78 -16.68
C VAL A 122 -8.82 6.37 -16.61
N SER A 123 -8.94 7.61 -16.13
CA SER A 123 -10.24 8.21 -15.91
C SER A 123 -10.30 9.62 -16.45
N THR A 124 -11.45 9.97 -17.02
CA THR A 124 -11.69 11.32 -17.48
C THR A 124 -12.67 12.00 -16.55
N VAL A 125 -13.03 11.33 -15.46
CA VAL A 125 -13.97 11.89 -14.49
C VAL A 125 -13.39 11.97 -13.09
N GLY A 126 -12.07 12.09 -12.99
CA GLY A 126 -11.42 12.20 -11.70
C GLY A 126 -11.20 10.84 -11.04
N ASP A 127 -10.86 10.87 -9.76
CA ASP A 127 -10.63 9.64 -9.02
C ASP A 127 -11.84 8.73 -9.18
N PRO A 128 -11.65 7.55 -9.80
CA PRO A 128 -12.76 6.64 -10.10
C PRO A 128 -13.58 6.25 -8.87
N ILE A 129 -12.96 6.25 -7.70
CA ILE A 129 -13.62 5.88 -6.47
C ILE A 129 -14.71 6.88 -6.12
N LEU A 130 -14.45 8.16 -6.39
CA LEU A 130 -15.36 9.24 -6.01
C LEU A 130 -16.46 9.53 -7.03
N ASN A 131 -16.40 8.84 -8.17
CA ASN A 131 -17.45 8.93 -9.17
C ASN A 131 -17.41 7.68 -10.05
N SER A 132 -17.78 6.55 -9.46
CA SER A 132 -17.57 5.25 -10.07
C SER A 132 -18.56 4.91 -11.19
N THR A 133 -19.78 5.42 -11.08
CA THR A 133 -20.79 5.15 -12.11
C THR A 133 -20.36 5.72 -13.46
N TYR A 134 -19.78 6.92 -13.44
CA TYR A 134 -19.36 7.57 -14.68
C TYR A 134 -17.97 7.18 -15.15
N TRP A 135 -17.20 6.51 -14.29
CA TRP A 135 -15.90 6.00 -14.72
C TRP A 135 -16.08 4.90 -15.77
N SER A 136 -15.22 4.90 -16.79
CA SER A 136 -15.34 4.00 -17.91
C SER A 136 -14.87 2.59 -17.58
N GLY A 137 -13.97 2.47 -16.61
CA GLY A 137 -13.44 1.16 -16.23
C GLY A 137 -12.16 0.86 -16.97
N SER A 138 -11.69 1.84 -17.74
CA SER A 138 -10.51 1.67 -18.57
C SER A 138 -9.18 1.55 -17.81
N LEU A 139 -8.31 0.64 -18.26
CA LEU A 139 -7.03 0.39 -17.60
C LEU A 139 -5.81 0.54 -18.52
N MET A 140 -4.64 0.67 -17.91
CA MET A 140 -3.40 0.86 -18.64
C MET A 140 -2.30 0.11 -17.93
N MET A 141 -1.38 -0.47 -18.67
CA MET A 141 -0.20 -1.06 -18.06
C MET A 141 1.07 -0.68 -18.78
N THR A 142 2.05 -0.23 -18.01
CA THR A 142 3.35 0.13 -18.54
C THR A 142 4.39 -0.87 -18.08
N ARG A 143 5.38 -1.16 -18.92
CA ARG A 143 6.48 -2.00 -18.50
C ARG A 143 7.74 -1.18 -18.53
N LEU A 144 8.47 -1.15 -17.41
CA LEU A 144 9.72 -0.41 -17.35
C LEU A 144 10.89 -1.36 -17.09
N ALA A 145 11.98 -1.18 -17.84
CA ALA A 145 13.20 -1.93 -17.60
C ALA A 145 13.94 -1.32 -16.42
N VAL A 146 14.30 -2.14 -15.45
CA VAL A 146 15.07 -1.67 -14.30
C VAL A 146 16.52 -1.44 -14.71
N LYS A 147 16.91 -2.05 -15.83
CA LYS A 147 18.23 -1.87 -16.41
C LYS A 147 18.10 -1.31 -17.83
N PRO A 148 17.85 0.01 -17.94
CA PRO A 148 17.68 0.60 -19.26
C PRO A 148 18.90 0.26 -20.09
N LYS A 149 18.71 0.11 -21.39
CA LYS A 149 19.78 -0.32 -22.27
C LYS A 149 19.85 0.71 -23.38
N SER A 150 20.91 1.54 -23.35
CA SER A 150 21.00 2.78 -24.14
C SER A 150 19.75 3.07 -24.96
N ASN A 151 19.93 3.17 -26.28
CA ASN A 151 18.81 3.38 -27.19
C ASN A 151 17.90 2.15 -27.30
N GLY A 152 17.33 1.73 -26.17
CA GLY A 152 16.50 0.54 -26.15
C GLY A 152 15.05 0.90 -26.43
N GLY A 153 14.58 0.60 -27.63
CA GLY A 153 13.24 0.99 -28.05
C GLY A 153 12.15 0.60 -27.06
N GLY A 154 11.57 -0.57 -27.28
CA GLY A 154 10.50 -1.05 -26.42
C GLY A 154 11.02 -1.80 -25.21
N TYR A 155 12.34 -2.00 -25.16
CA TYR A 155 12.93 -2.66 -24.01
C TYR A 155 12.87 -1.73 -22.81
N ASN A 156 13.42 -0.54 -22.94
CA ASN A 156 13.39 0.46 -21.88
C ASN A 156 12.01 0.78 -21.32
N GLN A 157 11.08 1.14 -22.20
CA GLN A 157 9.73 1.50 -21.78
C GLN A 157 8.77 1.09 -22.89
N HIS A 158 7.56 0.69 -22.52
CA HIS A 158 6.46 0.54 -23.46
C HIS A 158 5.19 0.03 -22.81
N GLN A 159 4.06 0.36 -23.40
CA GLN A 159 2.77 0.04 -22.81
C GLN A 159 2.21 -1.28 -23.34
N LEU A 160 1.47 -1.98 -22.50
CA LEU A 160 0.85 -3.22 -22.89
C LEU A 160 -0.65 -2.97 -23.12
N ALA A 161 -1.29 -3.87 -23.85
CA ALA A 161 -2.68 -3.68 -24.23
C ALA A 161 -3.59 -4.61 -23.43
N LEU A 162 -4.62 -4.04 -22.81
CA LEU A 162 -5.53 -4.83 -22.00
C LEU A 162 -6.85 -5.03 -22.73
N ARG A 163 -6.89 -6.03 -23.59
CA ARG A 163 -8.07 -6.24 -24.42
C ARG A 163 -9.10 -7.21 -23.83
N SER A 164 -8.80 -7.79 -22.68
CA SER A 164 -9.78 -8.65 -22.01
C SER A 164 -9.69 -8.58 -20.51
N ILE A 165 -10.78 -8.18 -19.86
CA ILE A 165 -10.85 -8.17 -18.41
C ILE A 165 -11.98 -9.09 -17.95
N GLU A 166 -11.61 -10.20 -17.31
CA GLU A 166 -12.57 -11.09 -16.68
C GLU A 166 -12.87 -10.57 -15.28
N LYS A 167 -14.09 -10.10 -15.05
CA LYS A 167 -14.46 -9.56 -13.75
C LYS A 167 -15.69 -10.20 -13.15
N GLY A 168 -16.04 -11.40 -13.63
CA GLY A 168 -17.16 -12.14 -13.07
C GLY A 168 -18.41 -11.28 -12.97
N ARG A 169 -19.01 -11.22 -11.79
CA ARG A 169 -20.23 -10.44 -11.64
C ARG A 169 -19.99 -9.02 -11.13
N TYR A 170 -18.79 -8.50 -11.34
CA TYR A 170 -18.47 -7.11 -10.99
C TYR A 170 -18.58 -6.21 -12.23
N ASP A 171 -19.16 -5.03 -12.06
CA ASP A 171 -19.28 -4.06 -13.15
C ASP A 171 -17.91 -3.59 -13.63
N LYS A 172 -17.11 -3.12 -12.68
CA LYS A 172 -15.78 -2.57 -12.95
C LYS A 172 -14.75 -3.15 -12.00
N VAL A 173 -13.49 -3.05 -12.38
CA VAL A 173 -12.42 -3.59 -11.58
C VAL A 173 -11.21 -2.68 -11.76
N MET A 174 -10.45 -2.43 -10.70
CA MET A 174 -9.26 -1.59 -10.83
C MET A 174 -8.18 -1.86 -9.77
N PRO A 175 -6.91 -1.53 -10.08
CA PRO A 175 -5.80 -1.66 -9.14
C PRO A 175 -6.07 -0.77 -7.93
N TYR A 176 -5.68 -1.20 -6.74
CA TYR A 176 -6.02 -0.45 -5.55
C TYR A 176 -5.05 -0.83 -4.43
N GLY A 177 -3.84 -0.28 -4.51
CA GLY A 177 -2.78 -0.54 -3.56
C GLY A 177 -1.42 -0.35 -4.20
N PRO A 178 -0.38 -0.15 -3.39
CA PRO A 178 0.92 0.25 -3.93
C PRO A 178 1.67 -0.83 -4.69
N SER A 179 1.56 -2.09 -4.25
CA SER A 179 2.34 -3.13 -4.89
C SER A 179 1.82 -4.53 -4.67
N GLY A 180 2.27 -5.45 -5.50
CA GLY A 180 1.88 -6.85 -5.44
C GLY A 180 3.03 -7.84 -5.66
N ILE A 181 2.68 -9.09 -5.91
CA ILE A 181 3.66 -10.17 -6.05
C ILE A 181 3.59 -10.89 -7.39
N LYS A 182 4.72 -11.46 -7.80
CA LYS A 182 4.79 -12.27 -9.01
C LYS A 182 4.83 -13.73 -8.61
N GLN A 183 4.26 -14.59 -9.43
CA GLN A 183 4.32 -16.03 -9.18
C GLN A 183 4.72 -16.77 -10.45
N GLY A 184 6.04 -16.94 -10.62
CA GLY A 184 6.62 -17.58 -11.79
C GLY A 184 5.68 -18.26 -12.78
N ASP A 185 5.10 -17.47 -13.68
CA ASP A 185 5.27 -16.02 -13.69
C ASP A 185 3.99 -15.29 -14.09
N THR A 186 3.07 -15.31 -13.13
CA THR A 186 1.79 -14.64 -13.17
C THR A 186 1.89 -13.47 -12.18
N LEU A 187 1.31 -12.32 -12.52
CA LEU A 187 1.40 -11.15 -11.66
C LEU A 187 0.12 -11.00 -10.87
N TYR A 188 0.23 -10.56 -9.62
CA TYR A 188 -0.97 -10.31 -8.82
C TYR A 188 -0.94 -8.89 -8.24
N PHE A 189 -1.92 -8.07 -8.63
CA PHE A 189 -1.98 -6.69 -8.15
C PHE A 189 -3.08 -6.54 -7.11
N PRO A 190 -2.79 -5.79 -6.03
CA PRO A 190 -3.88 -5.46 -5.13
C PRO A 190 -4.96 -4.72 -5.93
N ALA A 191 -6.21 -5.08 -5.76
CA ALA A 191 -7.25 -4.56 -6.63
C ALA A 191 -8.56 -4.49 -5.89
N VAL A 192 -9.56 -3.93 -6.56
CA VAL A 192 -10.89 -3.77 -5.99
C VAL A 192 -11.97 -3.96 -7.06
N GLY A 193 -13.11 -4.53 -6.67
CA GLY A 193 -14.21 -4.74 -7.59
C GLY A 193 -15.41 -3.90 -7.20
N PHE A 194 -16.09 -3.35 -8.19
CA PHE A 194 -17.29 -2.54 -7.97
C PHE A 194 -18.54 -3.36 -8.26
N LEU A 195 -19.22 -3.81 -7.21
CA LEU A 195 -20.43 -4.63 -7.35
C LEU A 195 -21.67 -3.78 -7.21
N VAL A 196 -22.60 -3.91 -8.15
CA VAL A 196 -23.87 -3.23 -8.03
C VAL A 196 -24.46 -3.58 -6.67
N ARG A 197 -24.86 -2.56 -5.92
CA ARG A 197 -25.23 -2.78 -4.53
C ARG A 197 -26.37 -3.78 -4.36
N THR A 198 -27.34 -3.75 -5.26
CA THR A 198 -28.48 -4.67 -5.20
C THR A 198 -28.09 -6.01 -5.81
N GLU A 199 -26.84 -6.43 -5.59
CA GLU A 199 -26.42 -7.76 -5.99
C GLU A 199 -25.49 -8.32 -4.93
N PHE A 200 -25.33 -7.54 -3.86
CA PHE A 200 -24.48 -7.90 -2.74
C PHE A 200 -25.24 -8.77 -1.77
N LYS A 201 -24.86 -10.05 -1.73
CA LYS A 201 -25.49 -11.00 -0.82
C LYS A 201 -24.80 -10.96 0.54
N TYR A 202 -25.43 -10.28 1.49
CA TYR A 202 -24.88 -10.18 2.83
C TYR A 202 -25.94 -10.46 3.87
N ASN A 203 -25.64 -11.39 4.77
CA ASN A 203 -26.56 -11.78 5.83
C ASN A 203 -26.36 -10.89 7.06
N ASP A 204 -27.25 -9.93 7.26
CA ASP A 204 -27.12 -8.98 8.37
C ASP A 204 -26.86 -9.66 9.71
N SER A 205 -27.25 -10.92 9.83
CA SER A 205 -26.99 -11.68 11.04
C SER A 205 -25.59 -12.28 10.98
N ASN A 206 -24.66 -11.51 10.45
CA ASN A 206 -23.24 -11.83 10.51
C ASN A 206 -22.51 -10.59 10.98
N CYS A 207 -23.29 -9.62 11.41
CA CYS A 207 -22.79 -8.34 11.86
C CYS A 207 -22.71 -8.33 13.39
N PRO A 208 -21.48 -8.37 13.93
CA PRO A 208 -21.24 -8.40 15.38
C PRO A 208 -21.82 -7.20 16.14
N ILE A 209 -22.97 -7.38 16.79
CA ILE A 209 -23.59 -6.29 17.54
C ILE A 209 -23.54 -6.55 19.04
N THR A 210 -23.18 -7.78 19.41
CA THR A 210 -23.05 -8.16 20.81
C THR A 210 -22.30 -7.08 21.60
N LYS A 211 -22.96 -6.55 22.62
CA LYS A 211 -22.48 -5.36 23.35
C LYS A 211 -21.71 -4.37 22.48
N CYS A 212 -22.41 -3.88 21.46
CA CYS A 212 -22.01 -2.68 20.74
C CYS A 212 -23.24 -1.80 20.81
N GLN A 213 -23.25 -0.90 21.80
CA GLN A 213 -24.41 -0.04 22.05
C GLN A 213 -24.71 0.87 20.86
N TYR A 214 -25.97 0.90 20.44
CA TYR A 214 -26.36 1.61 19.23
C TYR A 214 -25.54 1.18 18.01
N SER A 215 -25.59 -0.11 17.71
CA SER A 215 -24.97 -0.62 16.50
C SER A 215 -25.97 -1.56 15.81
N LYS A 216 -26.71 -1.01 14.87
CA LYS A 216 -27.69 -1.77 14.12
C LYS A 216 -26.99 -2.78 13.23
N PRO A 217 -27.55 -3.99 13.12
CA PRO A 217 -26.98 -5.08 12.31
C PRO A 217 -26.88 -4.73 10.82
N GLU A 218 -27.57 -3.68 10.38
CA GLU A 218 -27.49 -3.24 8.99
C GLU A 218 -26.14 -2.59 8.68
N ASN A 219 -25.53 -2.01 9.71
CA ASN A 219 -24.29 -1.25 9.56
C ASN A 219 -23.18 -1.95 8.76
N CYS A 220 -23.03 -3.27 8.91
CA CYS A 220 -21.95 -3.96 8.19
C CYS A 220 -22.19 -4.02 6.69
N ARG A 221 -23.42 -3.78 6.26
CA ARG A 221 -23.74 -3.90 4.84
C ARG A 221 -23.74 -2.53 4.20
N LEU A 222 -24.18 -1.54 4.97
CA LEU A 222 -24.21 -0.17 4.50
C LEU A 222 -22.79 0.39 4.35
N SER A 223 -21.88 -0.06 5.21
CA SER A 223 -20.51 0.40 5.20
C SER A 223 -19.64 -0.28 4.15
N MET A 224 -20.24 -1.05 3.25
CA MET A 224 -19.47 -1.70 2.19
C MET A 224 -19.37 -0.80 0.97
N GLY A 225 -20.01 0.36 1.04
CA GLY A 225 -19.88 1.36 -0.01
C GLY A 225 -19.48 2.66 0.62
N ILE A 226 -18.98 3.58 -0.19
CA ILE A 226 -18.44 4.82 0.34
C ILE A 226 -19.54 5.68 0.95
N ARG A 227 -20.77 5.29 0.68
CA ARG A 227 -21.93 6.04 1.13
C ARG A 227 -23.03 5.01 1.35
N PRO A 228 -23.85 5.21 2.39
CA PRO A 228 -24.89 4.26 2.82
C PRO A 228 -25.88 3.95 1.69
N ASN A 229 -25.94 4.83 0.70
CA ASN A 229 -26.86 4.69 -0.41
C ASN A 229 -26.10 4.51 -1.71
N SER A 230 -24.82 4.18 -1.61
CA SER A 230 -23.95 4.06 -2.78
C SER A 230 -24.56 3.10 -3.79
N HIS A 231 -24.33 3.37 -5.07
CA HIS A 231 -24.78 2.47 -6.14
C HIS A 231 -23.95 1.20 -6.17
N TYR A 232 -22.68 1.32 -5.79
CA TYR A 232 -21.77 0.19 -5.78
C TYR A 232 -21.32 -0.10 -4.37
N ILE A 233 -20.90 -1.34 -4.14
CA ILE A 233 -20.17 -1.67 -2.93
C ILE A 233 -18.77 -2.05 -3.38
N LEU A 234 -17.79 -1.95 -2.48
CA LEU A 234 -16.40 -2.21 -2.87
C LEU A 234 -15.85 -3.49 -2.27
N ARG A 235 -15.18 -4.29 -3.09
CA ARG A 235 -14.66 -5.56 -2.62
C ARG A 235 -13.20 -5.71 -3.03
N SER A 236 -12.30 -5.72 -2.06
CA SER A 236 -10.88 -5.90 -2.36
C SER A 236 -10.60 -7.30 -2.93
N GLY A 237 -9.40 -7.48 -3.47
CA GLY A 237 -9.02 -8.73 -4.10
C GLY A 237 -7.73 -8.56 -4.86
N LEU A 238 -7.51 -9.40 -5.87
CA LEU A 238 -6.32 -9.29 -6.72
C LEU A 238 -6.69 -9.27 -8.19
N LEU A 239 -5.80 -8.70 -8.99
CA LEU A 239 -5.90 -8.79 -10.44
C LEU A 239 -4.78 -9.67 -10.95
N LYS A 240 -5.15 -10.80 -11.56
CA LYS A 240 -4.18 -11.75 -12.08
C LYS A 240 -3.84 -11.41 -13.52
N TYR A 241 -2.56 -11.51 -13.86
CA TYR A 241 -2.09 -11.19 -15.18
C TYR A 241 -0.98 -12.18 -15.54
N ASN A 242 -1.32 -13.18 -16.35
CA ASN A 242 -0.36 -14.22 -16.75
C ASN A 242 0.46 -13.79 -17.96
N LEU A 243 1.73 -13.50 -17.75
CA LEU A 243 2.58 -12.98 -18.82
C LEU A 243 2.71 -13.98 -19.95
N SER A 244 2.42 -15.25 -19.66
CA SER A 244 2.61 -16.30 -20.64
C SER A 244 1.25 -16.71 -21.19
N ASP A 245 0.62 -15.79 -21.91
CA ASP A 245 -0.70 -16.01 -22.47
C ASP A 245 -0.72 -15.44 -23.88
N GLY A 246 -0.11 -16.17 -24.82
CA GLY A 246 -0.03 -15.73 -26.20
C GLY A 246 0.55 -14.33 -26.34
N GLU A 247 -0.30 -13.36 -26.67
CA GLU A 247 0.15 -11.99 -26.84
C GLU A 247 -0.80 -10.96 -26.25
N ASN A 248 -2.01 -11.39 -25.89
CA ASN A 248 -2.93 -10.52 -25.18
C ASN A 248 -3.34 -11.15 -23.87
N PRO A 249 -2.41 -11.23 -22.92
CA PRO A 249 -2.79 -11.79 -21.63
C PRO A 249 -3.96 -11.00 -21.04
N LYS A 250 -4.99 -11.72 -20.60
CA LYS A 250 -6.14 -11.10 -19.95
C LYS A 250 -5.72 -10.60 -18.58
N VAL A 251 -6.68 -10.01 -17.88
CA VAL A 251 -6.54 -9.77 -16.46
C VAL A 251 -7.79 -10.30 -15.81
N VAL A 252 -7.61 -11.15 -14.80
CA VAL A 252 -8.71 -11.79 -14.11
C VAL A 252 -8.83 -11.29 -12.66
N PHE A 253 -10.01 -10.83 -12.29
CA PHE A 253 -10.23 -10.41 -10.91
C PHE A 253 -10.51 -11.60 -9.99
N ILE A 254 -9.81 -11.62 -8.85
CA ILE A 254 -10.04 -12.59 -7.79
C ILE A 254 -10.50 -11.83 -6.54
N GLU A 255 -11.64 -12.23 -5.98
CA GLU A 255 -12.19 -11.51 -4.84
C GLU A 255 -11.66 -12.05 -3.52
N ILE A 256 -11.52 -11.17 -2.54
CA ILE A 256 -11.06 -11.59 -1.22
C ILE A 256 -12.19 -12.30 -0.49
N SER A 257 -11.85 -13.38 0.21
CA SER A 257 -12.83 -14.17 0.94
C SER A 257 -13.56 -13.32 1.96
N ASP A 258 -14.71 -13.80 2.45
CA ASP A 258 -15.56 -12.98 3.31
C ASP A 258 -15.22 -13.05 4.81
N GLN A 259 -14.07 -13.62 5.14
CA GLN A 259 -13.62 -13.61 6.53
C GLN A 259 -13.27 -12.19 6.95
N ARG A 260 -13.94 -11.69 7.97
CA ARG A 260 -13.64 -10.37 8.50
C ARG A 260 -13.70 -9.35 7.36
N LEU A 261 -14.82 -9.35 6.65
CA LEU A 261 -15.00 -8.52 5.47
C LEU A 261 -15.05 -7.03 5.82
N SER A 262 -14.39 -6.22 5.00
CA SER A 262 -14.42 -4.76 5.14
C SER A 262 -14.46 -4.15 3.74
N ILE A 263 -15.02 -2.96 3.63
CA ILE A 263 -15.07 -2.25 2.35
C ILE A 263 -13.72 -2.32 1.68
N GLY A 264 -13.72 -2.64 0.39
CA GLY A 264 -12.51 -2.65 -0.39
C GLY A 264 -11.78 -1.35 -0.17
N SER A 265 -10.46 -1.45 -0.04
CA SER A 265 -9.63 -0.30 0.29
C SER A 265 -8.25 -0.58 -0.25
N PRO A 266 -7.36 0.42 -0.24
CA PRO A 266 -6.00 0.16 -0.74
C PRO A 266 -5.36 -0.99 0.04
N SER A 267 -4.80 -1.95 -0.67
CA SER A 267 -4.24 -3.13 -0.04
C SER A 267 -2.89 -3.43 -0.61
N LYS A 268 -2.29 -4.50 -0.11
CA LYS A 268 -0.96 -4.82 -0.54
C LYS A 268 -0.75 -6.31 -0.35
N ILE A 269 -0.07 -6.94 -1.30
CA ILE A 269 0.33 -8.31 -1.12
C ILE A 269 1.82 -8.37 -1.32
N TYR A 270 2.53 -9.05 -0.44
CA TYR A 270 3.98 -9.12 -0.54
C TYR A 270 4.56 -10.44 -0.07
N ASP A 271 5.80 -10.72 -0.47
CA ASP A 271 6.50 -11.93 -0.05
C ASP A 271 7.42 -11.65 1.12
N SER A 272 7.21 -12.38 2.21
CA SER A 272 8.13 -12.33 3.33
C SER A 272 8.47 -13.72 3.85
N LEU A 273 9.75 -14.07 3.77
CA LEU A 273 10.24 -15.32 4.34
C LEU A 273 9.54 -16.56 3.78
N GLY A 274 9.49 -16.65 2.45
CA GLY A 274 9.00 -17.84 1.78
C GLY A 274 7.49 -17.93 1.60
N GLN A 275 6.79 -16.86 1.93
CA GLN A 275 5.34 -16.89 1.82
C GLN A 275 4.73 -15.49 1.85
N PRO A 276 3.68 -15.27 1.04
CA PRO A 276 2.96 -14.02 0.83
C PRO A 276 2.09 -13.58 1.99
N VAL A 277 2.13 -12.28 2.28
CA VAL A 277 1.30 -11.67 3.29
C VAL A 277 0.40 -10.65 2.59
N PHE A 278 -0.78 -10.42 3.16
CA PHE A 278 -1.75 -9.48 2.59
C PHE A 278 -2.12 -8.44 3.63
N TYR A 279 -2.10 -7.18 3.23
CA TYR A 279 -2.52 -6.10 4.09
C TYR A 279 -3.67 -5.36 3.46
N GLN A 280 -4.69 -5.03 4.23
CA GLN A 280 -5.81 -4.26 3.72
C GLN A 280 -6.05 -3.06 4.63
N ALA A 281 -6.09 -1.87 4.06
CA ALA A 281 -6.27 -0.68 4.87
C ALA A 281 -7.66 -0.70 5.50
N SER A 282 -7.79 -0.06 6.65
CA SER A 282 -9.05 -0.02 7.35
C SER A 282 -9.74 1.30 7.08
N PHE A 283 -10.67 1.31 6.13
CA PHE A 283 -11.34 2.54 5.75
C PHE A 283 -12.79 2.60 6.27
N SER A 284 -13.16 1.65 7.12
CA SER A 284 -14.45 1.74 7.79
C SER A 284 -14.37 1.46 9.29
N TRP A 285 -15.37 0.76 9.82
CA TRP A 285 -15.54 0.59 11.27
C TRP A 285 -14.53 -0.35 11.94
N ASP A 286 -14.00 -1.32 11.20
CA ASP A 286 -13.04 -2.26 11.78
C ASP A 286 -11.65 -1.66 11.77
N THR A 287 -11.30 -0.93 12.83
CA THR A 287 -10.13 -0.07 12.78
C THR A 287 -8.84 -0.69 13.27
N MET A 288 -8.85 -1.96 13.65
CA MET A 288 -7.63 -2.63 14.07
C MET A 288 -6.94 -3.16 12.81
N ILE A 289 -5.61 -3.21 12.82
CA ILE A 289 -4.88 -3.53 11.60
C ILE A 289 -5.31 -4.86 10.99
N LYS A 290 -5.53 -4.86 9.67
CA LYS A 290 -5.89 -6.06 8.91
C LYS A 290 -4.76 -6.57 8.03
N PHE A 291 -4.06 -7.60 8.51
CA PHE A 291 -3.09 -8.29 7.67
C PHE A 291 -2.84 -9.68 8.24
N GLY A 292 -2.31 -10.57 7.41
CA GLY A 292 -2.00 -11.92 7.84
C GLY A 292 -1.44 -12.74 6.70
N ASP A 293 -0.90 -13.92 7.03
CA ASP A 293 -0.40 -14.84 6.02
C ASP A 293 -1.52 -15.17 5.05
N VAL A 294 -1.14 -15.32 3.78
CA VAL A 294 -2.11 -15.69 2.78
C VAL A 294 -2.23 -17.22 2.68
N LEU A 295 -3.39 -17.73 3.10
CA LEU A 295 -3.63 -19.16 3.12
C LEU A 295 -3.61 -19.69 1.68
N THR A 296 -4.41 -19.07 0.81
CA THR A 296 -4.32 -19.36 -0.61
C THR A 296 -4.54 -18.11 -1.49
N VAL A 297 -3.76 -18.00 -2.57
CA VAL A 297 -3.76 -16.80 -3.41
C VAL A 297 -4.95 -16.75 -4.36
N ASN A 298 -5.26 -17.88 -4.98
CA ASN A 298 -6.46 -18.00 -5.80
C ASN A 298 -7.16 -19.32 -5.47
N PRO A 299 -8.38 -19.24 -4.91
CA PRO A 299 -9.11 -18.06 -4.45
C PRO A 299 -8.41 -17.40 -3.26
N LEU A 300 -8.68 -16.12 -3.02
CA LEU A 300 -7.96 -15.38 -1.99
C LEU A 300 -8.58 -15.52 -0.60
N VAL A 301 -7.88 -16.20 0.29
CA VAL A 301 -8.28 -16.21 1.70
C VAL A 301 -7.10 -15.82 2.57
N VAL A 302 -7.32 -14.90 3.51
CA VAL A 302 -6.21 -14.40 4.31
C VAL A 302 -6.40 -14.70 5.79
N ASN A 303 -5.37 -15.31 6.39
CA ASN A 303 -5.41 -15.65 7.81
C ASN A 303 -5.20 -14.42 8.68
N TRP A 304 -6.19 -13.55 8.72
CA TRP A 304 -6.09 -12.28 9.43
C TRP A 304 -5.53 -12.51 10.83
N ARG A 305 -4.51 -11.72 11.20
CA ARG A 305 -3.96 -11.75 12.54
C ARG A 305 -5.01 -11.20 13.51
N ASN A 306 -4.90 -11.60 14.77
CA ASN A 306 -5.77 -11.04 15.80
C ASN A 306 -4.97 -10.01 16.60
N ASN A 307 -4.69 -8.88 15.94
CA ASN A 307 -3.87 -7.84 16.52
C ASN A 307 -4.71 -6.89 17.37
N THR A 308 -4.25 -6.62 18.58
CA THR A 308 -5.01 -5.81 19.53
C THR A 308 -4.33 -4.47 19.84
N VAL A 309 -3.15 -4.24 19.27
CA VAL A 309 -2.39 -3.04 19.61
C VAL A 309 -2.22 -2.01 18.49
N ILE A 310 -2.43 -2.41 17.24
CA ILE A 310 -2.25 -1.48 16.14
C ILE A 310 -3.57 -1.09 15.48
N SER A 311 -3.77 0.21 15.33
CA SER A 311 -4.97 0.77 14.72
C SER A 311 -4.55 2.02 13.93
N ARG A 312 -5.50 2.87 13.60
CA ARG A 312 -5.19 4.03 12.80
C ARG A 312 -6.20 5.12 13.11
N PRO A 313 -5.80 6.39 12.96
CA PRO A 313 -6.66 7.53 13.31
C PRO A 313 -7.85 7.62 12.34
N GLY A 314 -8.98 8.11 12.82
CA GLY A 314 -10.15 8.25 11.98
C GLY A 314 -10.76 9.60 12.19
N GLN A 315 -12.08 9.67 12.11
CA GLN A 315 -12.80 10.89 12.45
C GLN A 315 -13.70 10.67 13.65
N SER A 316 -14.75 11.48 13.75
CA SER A 316 -15.63 11.44 14.91
C SER A 316 -16.28 10.07 15.09
N GLN A 317 -16.73 9.48 13.98
CA GLN A 317 -17.51 8.25 14.01
C GLN A 317 -16.69 6.99 14.27
N CYS A 318 -15.55 6.87 13.58
CA CYS A 318 -14.75 5.66 13.66
C CYS A 318 -13.30 5.98 14.02
N PRO A 319 -13.07 6.47 15.24
CA PRO A 319 -11.74 6.89 15.70
C PRO A 319 -10.84 5.68 15.91
N ARG A 320 -9.55 5.92 16.15
CA ARG A 320 -8.62 4.82 16.39
C ARG A 320 -9.16 3.90 17.48
N PHE A 321 -8.96 2.60 17.30
CA PHE A 321 -9.34 1.59 18.29
C PHE A 321 -10.83 1.19 18.27
N ASN A 322 -11.58 1.73 17.33
CA ASN A 322 -12.97 1.35 17.17
C ASN A 322 -13.07 -0.09 16.68
N THR A 323 -14.02 -0.84 17.22
CA THR A 323 -14.25 -2.21 16.75
C THR A 323 -15.73 -2.52 16.59
N CYS A 324 -16.58 -1.53 16.86
CA CYS A 324 -18.03 -1.72 16.75
C CYS A 324 -18.55 -1.21 15.41
N PRO A 325 -19.34 -2.05 14.71
CA PRO A 325 -19.91 -1.78 13.38
C PRO A 325 -20.70 -0.47 13.31
N GLU A 326 -20.10 0.51 12.64
CA GLU A 326 -20.74 1.80 12.42
C GLU A 326 -20.76 2.06 10.93
N ILE A 327 -21.53 3.06 10.52
CA ILE A 327 -21.56 3.47 9.13
C ILE A 327 -20.58 4.62 8.92
N CYS A 328 -19.49 4.34 8.22
CA CYS A 328 -18.45 5.34 8.03
C CYS A 328 -17.52 4.96 6.90
N TRP A 329 -16.88 5.97 6.33
CA TRP A 329 -15.83 5.77 5.35
C TRP A 329 -14.70 6.73 5.69
N GLU A 330 -13.71 6.22 6.40
CA GLU A 330 -12.62 7.06 6.81
C GLU A 330 -11.44 6.19 7.20
N GLY A 331 -10.29 6.81 7.37
CA GLY A 331 -9.11 6.06 7.69
C GLY A 331 -7.96 6.44 6.80
N VAL A 332 -6.85 5.71 6.95
CA VAL A 332 -5.61 6.04 6.27
C VAL A 332 -4.82 4.76 6.01
N TYR A 333 -4.07 4.72 4.91
CA TYR A 333 -3.22 3.57 4.57
C TYR A 333 -1.89 3.60 5.31
N ASN A 334 -1.70 2.69 6.27
CA ASN A 334 -0.43 2.53 6.99
C ASN A 334 -0.07 1.06 7.08
N ASP A 335 0.75 0.55 6.16
CA ASP A 335 0.91 -0.90 6.11
C ASP A 335 2.01 -1.42 7.02
N ALA A 336 2.09 -2.73 7.14
CA ALA A 336 3.09 -3.36 8.01
C ALA A 336 3.75 -4.51 7.28
N PHE A 337 5.03 -4.70 7.53
CA PHE A 337 5.80 -5.71 6.83
C PHE A 337 6.30 -6.73 7.83
N LEU A 338 5.96 -7.99 7.61
CA LEU A 338 6.37 -9.08 8.49
C LEU A 338 7.87 -9.35 8.38
N ILE A 339 8.60 -9.26 9.50
CA ILE A 339 10.05 -9.46 9.47
C ILE A 339 10.55 -10.74 10.18
N ASP A 340 9.65 -11.47 10.82
CA ASP A 340 10.02 -12.69 11.53
C ASP A 340 8.78 -13.53 11.73
N ARG A 341 8.68 -14.64 11.00
CA ARG A 341 7.49 -15.48 11.05
C ARG A 341 7.45 -16.36 12.29
N ILE A 342 8.57 -17.01 12.58
CA ILE A 342 8.67 -17.81 13.80
C ILE A 342 7.96 -17.14 14.97
N ASN A 343 8.27 -15.87 15.21
CA ASN A 343 7.60 -15.12 16.28
C ASN A 343 6.49 -14.18 15.82
N TRP A 344 6.23 -14.13 14.50
CA TRP A 344 5.30 -13.16 13.89
C TRP A 344 5.43 -11.71 14.34
N ILE A 345 6.58 -11.12 14.04
CA ILE A 345 6.86 -9.72 14.37
C ILE A 345 6.84 -8.93 13.07
N SER A 346 6.26 -7.72 13.12
CA SER A 346 6.14 -6.87 11.94
C SER A 346 6.62 -5.46 12.22
N ALA A 347 6.99 -4.74 11.16
CA ALA A 347 7.37 -3.34 11.28
C ALA A 347 6.45 -2.46 10.44
N GLY A 348 6.14 -1.28 10.92
CA GLY A 348 5.39 -0.33 10.12
C GLY A 348 5.52 1.05 10.68
N VAL A 349 5.04 2.05 9.94
CA VAL A 349 4.95 3.41 10.47
C VAL A 349 3.49 3.75 10.70
N PHE A 350 3.16 4.18 11.90
CA PHE A 350 1.77 4.42 12.25
C PHE A 350 1.63 5.78 12.86
N LEU A 351 0.42 6.30 12.81
CA LEU A 351 0.16 7.64 13.27
C LEU A 351 -0.44 7.53 14.66
N ASP A 352 0.31 8.03 15.64
CA ASP A 352 -0.05 7.81 17.04
C ASP A 352 -1.04 8.85 17.52
N SER A 353 -2.29 8.75 17.06
CA SER A 353 -3.31 9.71 17.44
C SER A 353 -4.68 9.16 17.11
N ASN A 354 -5.70 9.63 17.83
CA ASN A 354 -7.04 9.04 17.73
C ASN A 354 -7.88 9.54 16.56
N GLN A 355 -7.99 10.86 16.44
CA GLN A 355 -8.88 11.48 15.46
C GLN A 355 -8.20 12.52 14.56
N THR A 356 -6.88 12.56 14.59
CA THR A 356 -6.12 13.41 13.69
C THR A 356 -4.94 12.59 13.14
N ALA A 357 -4.60 12.83 11.88
CA ALA A 357 -3.52 12.09 11.24
C ALA A 357 -2.20 12.74 11.59
N GLU A 358 -1.61 12.36 12.72
CA GLU A 358 -0.37 13.01 13.17
C GLU A 358 0.52 12.10 14.01
N ASN A 359 1.78 12.50 14.15
CA ASN A 359 2.75 11.79 14.96
C ASN A 359 3.08 10.44 14.37
N PRO A 360 3.87 10.43 13.29
CA PRO A 360 4.29 9.19 12.64
C PRO A 360 5.35 8.45 13.46
N VAL A 361 5.10 7.20 13.81
CA VAL A 361 6.05 6.45 14.64
C VAL A 361 6.40 5.11 14.01
N PHE A 362 7.68 4.90 13.69
CA PHE A 362 8.12 3.59 13.24
C PHE A 362 7.99 2.61 14.40
N THR A 363 7.25 1.53 14.22
CA THR A 363 7.07 0.60 15.33
C THR A 363 7.18 -0.87 14.94
N VAL A 364 7.90 -1.62 15.77
CA VAL A 364 8.06 -3.06 15.60
C VAL A 364 7.15 -3.73 16.60
N PHE A 365 6.38 -4.73 16.18
CA PHE A 365 5.30 -5.21 17.03
C PHE A 365 4.83 -6.64 16.77
N LYS A 366 4.14 -7.21 17.76
CA LYS A 366 3.45 -8.48 17.64
C LYS A 366 1.98 -8.27 17.88
N ASP A 367 1.20 -9.33 17.76
CA ASP A 367 -0.25 -9.27 17.89
C ASP A 367 -0.75 -8.45 19.08
N ASN A 368 -0.14 -8.65 20.25
CA ASN A 368 -0.65 -8.02 21.48
C ASN A 368 0.36 -7.11 22.17
N GLU A 369 1.51 -6.94 21.54
CA GLU A 369 2.62 -6.20 22.13
C GLU A 369 3.30 -5.34 21.10
N ILE A 370 3.48 -4.07 21.42
CA ILE A 370 4.45 -3.27 20.71
C ILE A 370 5.79 -3.46 21.41
N LEU A 371 6.79 -3.93 20.68
CA LEU A 371 8.10 -4.19 21.25
C LEU A 371 8.94 -2.93 21.42
N TYR A 372 9.16 -2.20 20.33
CA TYR A 372 9.87 -0.93 20.42
C TYR A 372 9.46 0.02 19.30
N ARG A 373 9.87 1.28 19.41
CA ARG A 373 9.42 2.29 18.48
C ARG A 373 10.37 3.49 18.36
N ALA A 374 10.15 4.32 17.34
CA ALA A 374 10.94 5.53 17.13
C ALA A 374 10.11 6.61 16.44
N GLN A 375 9.98 7.76 17.08
CA GLN A 375 9.33 8.90 16.44
C GLN A 375 10.07 9.27 15.17
N LEU A 376 9.33 9.55 14.11
CA LEU A 376 9.96 9.94 12.86
C LEU A 376 9.99 11.45 12.69
N ALA A 377 9.08 12.15 13.35
CA ALA A 377 9.07 13.59 13.21
C ALA A 377 8.72 14.20 14.56
N SER A 378 7.81 15.17 14.57
CA SER A 378 7.40 15.79 15.82
C SER A 378 6.03 15.26 16.19
N GLU A 379 5.62 15.45 17.43
CA GLU A 379 4.41 14.82 17.95
C GLU A 379 3.15 15.45 17.40
N ASP A 380 3.28 16.63 16.81
CA ASP A 380 2.14 17.22 16.12
C ASP A 380 2.40 17.40 14.62
N THR A 381 3.36 16.66 14.08
CA THR A 381 3.58 16.64 12.65
C THR A 381 2.38 15.95 11.99
N ASN A 382 1.79 16.58 10.98
CA ASN A 382 0.72 15.92 10.23
C ASN A 382 1.29 14.97 9.22
N ALA A 383 0.68 13.79 9.09
CA ALA A 383 1.15 12.81 8.11
C ALA A 383 -0.01 11.97 7.60
N GLN A 384 0.20 11.25 6.50
CA GLN A 384 -0.87 10.44 5.90
C GLN A 384 -0.42 9.03 5.56
N LYS A 385 -0.30 8.75 4.26
CA LYS A 385 0.01 7.41 3.79
C LYS A 385 1.41 6.99 4.20
N THR A 386 1.56 5.70 4.42
CA THR A 386 2.77 5.14 4.99
C THR A 386 2.96 3.81 4.33
N ILE A 387 4.13 3.60 3.72
CA ILE A 387 4.39 2.36 3.01
C ILE A 387 5.75 1.78 3.40
N THR A 388 5.74 0.58 3.97
CA THR A 388 6.97 -0.03 4.46
C THR A 388 7.35 -1.31 3.69
N ASN A 389 8.61 -1.40 3.32
CA ASN A 389 9.14 -2.63 2.75
C ASN A 389 10.46 -2.96 3.44
N CYS A 390 10.66 -4.23 3.80
CA CYS A 390 11.92 -4.63 4.44
C CYS A 390 12.65 -5.67 3.60
N PHE A 391 13.95 -5.83 3.86
CA PHE A 391 14.80 -6.63 2.99
C PHE A 391 16.13 -6.91 3.67
N LEU A 392 17.07 -7.49 2.93
CA LEU A 392 18.35 -7.84 3.52
C LEU A 392 19.48 -7.04 2.90
N LEU A 393 20.41 -6.62 3.76
CA LEU A 393 21.65 -6.03 3.30
C LEU A 393 22.74 -6.65 4.15
N LYS A 394 23.49 -7.57 3.55
CA LYS A 394 24.51 -8.34 4.28
C LYS A 394 23.86 -9.25 5.33
N ASN A 395 22.75 -9.85 4.95
CA ASN A 395 21.99 -10.72 5.82
C ASN A 395 21.38 -10.01 7.04
N LYS A 396 21.49 -8.68 7.06
CA LYS A 396 20.84 -7.89 8.12
C LYS A 396 19.54 -7.24 7.63
N ILE A 397 18.52 -7.23 8.48
CA ILE A 397 17.21 -6.71 8.10
C ILE A 397 17.13 -5.20 8.16
N TRP A 398 16.83 -4.59 7.02
CA TRP A 398 16.58 -3.16 6.94
C TRP A 398 15.15 -2.96 6.47
N CYS A 399 14.56 -1.84 6.85
CA CYS A 399 13.26 -1.45 6.28
C CYS A 399 13.38 -0.05 5.68
N ILE A 400 12.60 0.20 4.63
CA ILE A 400 12.50 1.54 4.09
C ILE A 400 11.03 1.94 4.08
N SER A 401 10.74 3.03 4.76
CA SER A 401 9.37 3.51 4.88
C SER A 401 9.22 4.82 4.15
N LEU A 402 8.16 4.94 3.38
CA LEU A 402 7.79 6.22 2.78
C LEU A 402 6.68 6.78 3.62
N VAL A 403 6.81 8.03 4.02
CA VAL A 403 5.81 8.68 4.85
C VAL A 403 5.39 10.04 4.29
N GLU A 404 4.12 10.21 3.99
CA GLU A 404 3.60 11.52 3.57
C GLU A 404 3.57 12.47 4.75
N ILE A 405 4.41 13.51 4.69
CA ILE A 405 4.52 14.47 5.77
C ILE A 405 4.08 15.86 5.32
N TYR A 406 3.31 16.55 6.14
CA TYR A 406 2.97 17.94 5.86
C TYR A 406 4.13 18.89 6.22
N ASP A 407 4.64 19.60 5.22
CA ASP A 407 5.70 20.58 5.40
C ASP A 407 5.13 21.93 5.82
N THR A 408 5.46 22.38 7.03
CA THR A 408 4.86 23.59 7.58
C THR A 408 5.41 24.86 6.93
N GLY A 409 6.64 24.80 6.44
CA GLY A 409 7.23 25.90 5.70
C GLY A 409 6.42 26.24 4.46
N ASP A 410 6.33 25.30 3.52
CA ASP A 410 5.65 25.55 2.25
C ASP A 410 4.15 25.27 2.31
N ASN A 411 3.68 24.74 3.42
CA ASN A 411 2.27 24.33 3.55
C ASN A 411 1.82 23.33 2.48
N VAL A 412 2.65 22.34 2.20
CA VAL A 412 2.36 21.27 1.24
C VAL A 412 2.84 19.96 1.82
N ILE A 413 2.24 18.86 1.38
CA ILE A 413 2.71 17.54 1.79
C ILE A 413 3.78 17.04 0.83
N ARG A 414 4.68 16.21 1.34
CA ARG A 414 5.67 15.56 0.50
C ARG A 414 6.09 14.24 1.12
N PRO A 415 6.45 13.26 0.29
CA PRO A 415 6.92 11.97 0.79
C PRO A 415 8.30 12.16 1.40
N LYS A 416 8.51 11.59 2.59
CA LYS A 416 9.83 11.48 3.18
C LYS A 416 10.18 10.00 3.23
N LEU A 417 11.40 9.65 2.84
CA LEU A 417 11.88 8.29 2.96
C LEU A 417 12.87 8.12 4.09
N PHE A 418 12.68 7.06 4.88
CA PHE A 418 13.56 6.73 6.00
C PHE A 418 14.10 5.30 5.85
N ALA A 419 15.37 5.11 6.18
CA ALA A 419 15.93 3.76 6.22
C ALA A 419 16.13 3.43 7.69
N VAL A 420 15.67 2.25 8.09
CA VAL A 420 15.73 1.85 9.47
C VAL A 420 16.28 0.44 9.58
N LYS A 421 17.34 0.29 10.37
CA LYS A 421 17.88 -1.03 10.63
C LYS A 421 17.19 -1.64 11.85
N ILE A 422 16.73 -2.87 11.73
CA ILE A 422 16.14 -3.56 12.87
C ILE A 422 17.27 -4.02 13.81
N PRO A 423 17.24 -3.57 15.08
CA PRO A 423 18.36 -3.78 16.01
C PRO A 423 18.57 -5.26 16.26
N GLU A 424 19.84 -5.66 16.32
CA GLU A 424 20.16 -7.07 16.54
C GLU A 424 20.40 -7.35 18.02
N GLN A 425 19.90 -6.48 18.88
CA GLN A 425 20.10 -6.59 20.32
C GLN A 425 19.33 -5.47 21.00
N CYS A 426 18.81 -5.69 22.20
CA CYS A 426 17.95 -4.66 22.82
C CYS A 426 18.64 -3.59 23.61
N THR A 427 19.97 -3.55 23.57
CA THR A 427 20.70 -2.46 24.20
C THR A 427 21.48 -1.72 23.12
N ALA A 428 21.58 -0.41 23.25
CA ALA A 428 22.18 0.41 22.20
C ALA A 428 23.58 -0.07 21.81
C1 NAG B . -7.76 -15.11 15.08
C2 NAG B . -6.85 -16.27 14.69
C3 NAG B . -7.62 -17.36 13.95
C4 NAG B . -8.81 -17.78 14.79
C5 NAG B . -9.69 -16.58 15.15
C6 NAG B . -10.77 -17.01 16.12
C7 NAG B . -4.46 -15.96 14.34
C8 NAG B . -3.78 -14.79 15.02
N2 NAG B . -5.72 -15.77 13.93
O3 NAG B . -6.79 -18.48 13.69
O4 NAG B . -9.54 -18.85 14.20
O5 NAG B . -8.94 -15.54 15.76
O6 NAG B . -10.13 -17.45 17.31
O7 NAG B . -3.87 -17.02 14.15
C1 NAG B . -10.10 -18.56 12.90
C2 NAG B . -11.62 -18.77 13.01
C3 NAG B . -12.39 -18.24 11.80
C4 NAG B . -11.96 -16.81 11.47
C5 NAG B . -10.44 -16.72 11.29
C6 NAG B . -9.91 -15.31 10.95
C7 NAG B . -12.23 -20.57 14.51
C8 NAG B . -13.50 -20.01 15.10
N2 NAG B . -11.92 -20.17 13.27
O3 NAG B . -13.78 -18.31 12.08
O4 NAG B . -12.62 -16.36 10.29
O5 NAG B . -9.76 -17.26 12.42
O6 NAG B . -10.67 -14.24 11.48
O7 NAG B . -11.54 -21.35 15.17
C1 NAG C . -7.78 7.43 22.21
C2 NAG C . -7.88 8.02 23.62
C3 NAG C . -7.62 6.96 24.66
C4 NAG C . -8.51 5.74 24.43
C5 NAG C . -8.57 5.30 22.96
C6 NAG C . -9.71 4.30 22.70
C7 NAG C . -7.42 10.22 24.45
C8 NAG C . -7.38 10.21 25.97
N2 NAG C . -6.98 9.15 23.82
O3 NAG C . -7.78 7.45 25.98
O4 NAG C . -7.93 4.72 25.22
O5 NAG C . -8.72 6.38 22.06
O6 NAG C . -10.96 4.77 23.19
O7 NAG C . -7.87 11.22 23.87
C1 NAG C . -8.95 4.17 26.07
C2 NAG C . -8.48 2.78 26.52
C3 NAG C . -9.37 2.14 27.58
C4 NAG C . -9.80 3.16 28.62
C5 NAG C . -10.29 4.43 27.95
C6 NAG C . -10.80 5.45 28.95
C7 NAG C . -7.05 1.48 25.17
C8 NAG C . -6.73 0.07 25.58
N2 NAG C . -8.29 1.90 25.39
O3 NAG C . -8.69 1.06 28.18
O4 NAG C . -10.83 2.59 29.40
O5 NAG C . -9.28 5.01 27.15
O6 NAG C . -12.05 5.01 29.42
O7 NAG C . -6.19 2.23 24.69
C1 NAG D . -19.27 12.47 -11.79
C2 NAG D . -20.15 13.53 -11.09
C3 NAG D . -21.35 14.05 -11.85
C4 NAG D . -20.98 14.37 -13.29
C5 NAG D . -20.39 13.10 -13.97
C6 NAG D . -19.64 13.56 -15.23
C7 NAG D . -19.79 13.23 -8.66
C8 NAG D . -20.14 12.59 -7.31
N2 NAG D . -20.61 12.96 -9.83
O3 NAG D . -21.82 15.25 -11.29
O4 NAG D . -22.18 14.75 -13.93
O5 NAG D . -19.53 12.20 -13.19
O6 NAG D . -19.99 12.65 -16.23
O7 NAG D . -18.86 13.97 -8.77
C1 NAG D . -22.11 16.02 -14.54
C2 NAG D . -23.33 16.17 -15.48
C3 NAG D . -23.50 17.60 -15.97
C4 NAG D . -23.56 18.60 -14.84
C5 NAG D . -22.36 18.40 -13.88
C6 NAG D . -22.69 19.12 -12.57
C7 NAG D . -24.22 14.34 -16.91
C8 NAG D . -24.05 13.44 -18.14
N2 NAG D . -23.19 15.32 -16.63
O3 NAG D . -24.63 17.73 -16.79
O4 NAG D . -23.43 19.85 -15.46
O5 NAG D . -22.08 17.03 -13.51
O6 NAG D . -21.46 19.56 -12.04
O7 NAG D . -25.02 14.05 -16.06
C1 BMA D . -24.40 20.72 -14.95
C2 BMA D . -23.94 22.17 -15.16
C3 BMA D . -25.03 23.14 -14.68
C4 BMA D . -26.38 22.82 -15.35
C5 BMA D . -26.75 21.32 -15.28
C6 BMA D . -27.85 20.98 -16.33
O2 BMA D . -23.69 22.40 -16.52
O3 BMA D . -24.57 24.46 -14.92
O4 BMA D . -27.41 23.55 -14.73
O5 BMA D . -25.66 20.42 -15.57
O6 BMA D . -28.34 19.69 -16.01
C1 BMA D . -24.25 25.13 -13.71
C2 BMA D . -22.73 25.12 -13.37
C3 BMA D . -21.76 25.92 -14.27
C4 BMA D . -22.59 26.71 -15.28
C5 BMA D . -23.82 27.36 -14.60
C6 BMA D . -24.61 28.11 -15.69
O2 BMA D . -22.20 23.90 -12.89
O3 BMA D . -20.89 25.02 -14.93
O4 BMA D . -21.80 27.73 -15.84
O5 BMA D . -24.71 26.49 -13.87
O6 BMA D . -23.84 29.21 -16.06
C1 MAN D . -28.77 18.77 -17.00
C2 MAN D . -28.15 17.38 -16.67
C3 MAN D . -28.67 16.33 -17.67
C4 MAN D . -28.58 16.83 -19.10
C5 MAN D . -27.94 18.22 -19.24
C6 MAN D . -28.09 18.69 -20.69
O2 MAN D . -28.66 17.00 -15.41
O3 MAN D . -30.06 16.23 -17.41
O4 MAN D . -27.85 15.92 -19.90
O5 MAN D . -28.47 19.23 -18.34
O6 MAN D . -28.46 17.59 -21.51
C1 NAG E . -28.66 -16.00 6.86
C2 NAG E . -29.55 -16.77 5.88
C3 NAG E . -30.55 -15.79 5.28
C4 NAG E . -31.35 -15.09 6.37
C5 NAG E . -30.53 -14.68 7.60
C6 NAG E . -31.43 -14.52 8.84
C7 NAG E . -29.25 -17.88 3.69
C8 NAG E . -28.67 -17.26 2.45
N2 NAG E . -28.76 -17.46 4.87
O3 NAG E . -31.44 -16.42 4.40
O4 NAG E . -31.95 -13.94 5.80
O5 NAG E . -29.47 -15.56 7.94
O6 NAG E . -31.68 -15.78 9.42
O7 NAG E . -30.15 -18.73 3.59
I IOD F . 16.08 15.23 2.76
I IOD G . -4.23 7.37 2.60
I IOD H . -20.85 4.64 -6.01
I IOD I . 2.97 22.84 -16.28
I IOD J . 1.93 -11.21 21.77
I IOD K . 15.76 11.12 -10.93
I IOD L . -21.82 -10.63 -2.65
I IOD M . 13.32 17.36 -7.65
I IOD N . 19.26 -9.28 23.01
I IOD O . -1.79 6.51 -20.40
I IOD P . 3.81 1.39 -26.88
I IOD Q . 12.13 14.62 10.14
I IOD R . 12.61 -18.48 3.10
I IOD S . 16.39 -7.85 22.86
I IOD T . -2.30 3.26 -2.73
I IOD U . -20.48 -12.08 -4.33
I IOD V . 2.00 -2.67 24.12
I IOD W . -19.13 5.19 -20.69
I IOD X . -5.75 5.81 -2.15
#